data_6XUY
#
_entry.id   6XUY
#
_cell.length_a   91.192
_cell.length_b   91.192
_cell.length_c   143.997
_cell.angle_alpha   90.000
_cell.angle_beta   90.000
_cell.angle_gamma   120.000
#
_symmetry.space_group_name_H-M   'P 63'
#
loop_
_entity.id
_entity.type
_entity.pdbx_description
1 polymer 'NAD-dependent protein deacetylase sirtuin-6'
2 non-polymer '[(2R,3S,4R,5R)-5-(6-AMINOPURIN-9-YL)-3,4-DIHYDROXY-OXOLAN-2-YL]METHYL [HYDROXY-[[(2R,3S,4R,5S)-3,4,5-TRIHYDROXYOXOLAN-2-YL]METHOXY]PHOSPHORYL] HYDROGEN PHOSPHATE'
3 non-polymer 'ZINC ION'
4 non-polymer 'TRIETHYLENE GLYCOL'
5 non-polymer 'SULFATE ION'
6 water water
#
_entity_poly.entity_id   1
_entity_poly.type   'polypeptide(L)'
_entity_poly.pdbx_seq_one_letter_code
;GIDPFTADKGKCGLPEIFDPPEELERKVWELARLVWQSSSVVFHTGAGISTASGIPDFRGPHGVWTMEERGLAPKFDTTF
ESARPTQTHMALVQLERVGLLRFLVSQNVDGLHVRSGFPRDKLAELHGNMFVEECAKCKTQYVRDTVVGTMGLKATGRLC
TVAKARGLRACRGELRDTILDWEDSLPDRDLALADEASRNADLSITLGTSLQIRPSGNLPLATKRRGGRLVIVNLQPTKH
DRHADLRIHGYVDEVMTRLMKHLGLEIPAWDGPRVLERALPPLPRPPTPKLEPKEESPTRIN
;
_entity_poly.pdbx_strand_id   A,B
#
# COMPACT_ATOMS: atom_id res chain seq x y z
N PRO A 4 2.77 27.71 15.76
CA PRO A 4 3.27 26.38 15.30
C PRO A 4 2.89 25.27 16.30
N PHE A 5 3.34 25.44 17.53
CA PHE A 5 2.83 24.73 18.72
C PHE A 5 1.34 25.08 18.90
N THR A 6 1.00 26.38 18.74
CA THR A 6 -0.35 26.99 18.89
C THR A 6 -1.27 26.72 17.66
N ALA A 7 -0.70 26.36 16.49
CA ALA A 7 -1.44 26.15 15.21
C ALA A 7 -2.78 25.41 15.35
N ASP A 8 -3.86 25.97 14.79
CA ASP A 8 -5.20 25.34 14.67
C ASP A 8 -5.04 24.17 13.72
N LYS A 9 -5.27 22.96 14.23
CA LYS A 9 -5.19 21.70 13.45
C LYS A 9 -6.59 21.19 13.07
N GLY A 10 -7.58 22.07 13.11
CA GLY A 10 -9.00 21.78 12.78
C GLY A 10 -9.54 20.59 13.56
N LYS A 11 -10.58 19.95 13.01
CA LYS A 11 -11.32 18.88 13.69
C LYS A 11 -10.65 17.56 13.34
N CYS A 12 -10.23 16.81 14.34
CA CYS A 12 -9.42 15.59 14.16
C CYS A 12 -10.18 14.42 14.75
N GLY A 13 -10.10 13.23 14.16
CA GLY A 13 -10.66 11.99 14.74
C GLY A 13 -12.17 11.87 14.71
N LEU A 14 -12.84 12.59 13.84
CA LEU A 14 -14.27 12.38 13.61
C LEU A 14 -14.57 10.93 13.22
N PRO A 15 -15.79 10.43 13.52
CA PRO A 15 -16.18 9.10 13.10
C PRO A 15 -16.07 8.91 11.57
N GLU A 16 -15.61 7.74 11.18
CA GLU A 16 -15.76 7.24 9.81
C GLU A 16 -17.23 6.92 9.51
N ILE A 17 -17.59 7.07 8.24
CA ILE A 17 -18.88 6.75 7.59
C ILE A 17 -18.57 5.67 6.54
N PHE A 18 -19.34 4.58 6.53
CA PHE A 18 -19.28 3.48 5.53
C PHE A 18 -20.64 3.39 4.85
N ASP A 19 -20.71 3.87 3.61
CA ASP A 19 -21.91 3.63 2.80
C ASP A 19 -22.10 2.14 2.67
N PRO A 20 -23.33 1.59 2.82
CA PRO A 20 -23.57 0.17 2.54
C PRO A 20 -23.31 -0.12 1.06
N PRO A 21 -22.91 -1.37 0.75
CA PRO A 21 -22.38 -1.71 -0.58
C PRO A 21 -23.31 -1.39 -1.77
N GLU A 22 -24.62 -1.58 -1.61
CA GLU A 22 -25.61 -1.27 -2.68
C GLU A 22 -25.65 0.26 -2.85
N GLU A 23 -25.47 1.00 -1.78
CA GLU A 23 -25.51 2.48 -1.89
C GLU A 23 -24.15 2.89 -2.51
N LEU A 24 -23.07 2.18 -2.18
CA LEU A 24 -21.71 2.49 -2.70
C LEU A 24 -21.68 2.22 -4.20
N GLU A 25 -22.09 1.02 -4.61
CA GLU A 25 -22.29 0.65 -6.07
C GLU A 25 -23.09 1.73 -6.81
N ARG A 26 -24.19 2.17 -6.25
CA ARG A 26 -25.05 3.20 -6.89
C ARG A 26 -24.27 4.50 -7.05
N LYS A 27 -23.65 4.97 -5.99
CA LYS A 27 -23.00 6.30 -5.98
C LYS A 27 -21.84 6.32 -6.99
N VAL A 28 -21.15 5.20 -7.16
CA VAL A 28 -19.95 5.13 -8.02
C VAL A 28 -20.41 5.13 -9.48
N TRP A 29 -21.55 4.50 -9.76
CA TRP A 29 -22.18 4.57 -11.10
C TRP A 29 -22.50 6.02 -11.41
N GLU A 30 -23.03 6.74 -10.45
CA GLU A 30 -23.43 8.15 -10.60
C GLU A 30 -22.18 8.99 -10.85
N LEU A 31 -21.07 8.65 -10.19
CA LEU A 31 -19.80 9.38 -10.43
C LEU A 31 -19.40 9.12 -11.87
N ALA A 32 -19.55 7.88 -12.36
CA ALA A 32 -19.23 7.53 -13.78
C ALA A 32 -20.03 8.44 -14.71
N ARG A 33 -21.35 8.56 -14.48
CA ARG A 33 -22.29 9.41 -15.27
C ARG A 33 -21.79 10.85 -15.25
N LEU A 34 -21.37 11.37 -14.10
CA LEU A 34 -20.87 12.76 -14.06
C LEU A 34 -19.58 12.91 -14.85
N VAL A 35 -18.71 11.91 -14.76
CA VAL A 35 -17.40 11.98 -15.47
C VAL A 35 -17.76 12.04 -16.96
N TRP A 36 -18.69 11.19 -17.42
CA TRP A 36 -19.05 11.14 -18.87
C TRP A 36 -19.67 12.45 -19.33
N GLN A 37 -20.40 13.11 -18.45
CA GLN A 37 -21.18 14.31 -18.83
C GLN A 37 -20.30 15.55 -18.81
N SER A 38 -19.12 15.48 -18.19
CA SER A 38 -18.32 16.68 -17.88
C SER A 38 -17.34 16.96 -19.01
N SER A 39 -17.10 18.24 -19.32
CA SER A 39 -16.09 18.72 -20.28
C SER A 39 -14.74 18.89 -19.56
N SER A 40 -14.77 19.25 -18.31
CA SER A 40 -13.52 19.55 -17.59
C SER A 40 -13.54 19.05 -16.15
N VAL A 41 -12.83 17.95 -15.90
CA VAL A 41 -12.76 17.26 -14.59
C VAL A 41 -11.41 17.55 -13.89
N VAL A 42 -11.50 18.08 -12.67
CA VAL A 42 -10.34 18.37 -11.81
C VAL A 42 -10.46 17.54 -10.56
N PHE A 43 -9.36 16.98 -10.12
CA PHE A 43 -9.28 16.10 -8.95
C PHE A 43 -8.52 16.87 -7.93
N HIS A 44 -8.97 16.71 -6.67
CA HIS A 44 -8.34 17.31 -5.49
C HIS A 44 -7.94 16.18 -4.54
N THR A 45 -6.66 16.04 -4.27
CA THR A 45 -6.24 14.94 -3.38
C THR A 45 -5.65 15.45 -2.05
N GLY A 46 -5.76 14.58 -1.06
CA GLY A 46 -5.16 14.77 0.24
C GLY A 46 -4.75 13.46 0.83
N ALA A 47 -4.37 13.48 2.12
CA ALA A 47 -3.50 12.46 2.72
C ALA A 47 -4.15 11.09 2.72
N GLY A 48 -5.47 11.01 2.71
CA GLY A 48 -6.24 9.74 2.67
C GLY A 48 -6.02 8.94 1.38
N ILE A 49 -5.52 9.49 0.28
CA ILE A 49 -5.19 8.57 -0.87
C ILE A 49 -3.85 7.80 -0.68
N SER A 50 -3.10 8.07 0.39
CA SER A 50 -1.79 7.42 0.59
C SER A 50 -1.80 6.48 1.81
N THR A 51 -2.89 6.46 2.59
CA THR A 51 -2.94 5.61 3.79
C THR A 51 -2.69 4.14 3.40
N ALA A 52 -3.25 3.67 2.27
CA ALA A 52 -3.16 2.29 1.73
C ALA A 52 -1.75 1.98 1.19
N SER A 53 -0.87 2.95 1.24
CA SER A 53 0.59 2.83 0.97
C SER A 53 1.41 2.85 2.25
N GLY A 54 0.80 2.92 3.43
CA GLY A 54 1.54 2.87 4.70
C GLY A 54 1.73 4.21 5.41
N ILE A 55 1.35 5.30 4.73
CA ILE A 55 1.49 6.74 5.15
C ILE A 55 0.24 7.19 5.87
N PRO A 56 0.30 7.56 7.18
CA PRO A 56 -0.89 7.96 7.91
C PRO A 56 -1.31 9.35 7.43
N ASP A 57 -2.56 9.67 7.62
CA ASP A 57 -3.10 11.01 7.29
C ASP A 57 -2.82 11.92 8.51
N PHE A 58 -3.49 13.08 8.54
CA PHE A 58 -3.37 14.06 9.64
C PHE A 58 -4.51 13.85 10.64
N ARG A 59 -5.73 13.68 10.18
CA ARG A 59 -6.96 13.90 10.95
C ARG A 59 -7.90 12.69 10.93
N GLY A 60 -7.48 11.54 10.37
CA GLY A 60 -8.16 10.22 10.48
C GLY A 60 -8.03 9.64 11.88
N PRO A 61 -8.65 8.47 12.18
CA PRO A 61 -8.67 7.99 13.57
C PRO A 61 -7.23 7.85 14.10
N HIS A 62 -6.29 7.43 13.24
CA HIS A 62 -4.84 7.30 13.48
C HIS A 62 -4.04 8.40 12.78
N GLY A 63 -4.67 9.52 12.43
CA GLY A 63 -3.95 10.69 11.87
C GLY A 63 -2.80 11.18 12.75
N VAL A 64 -1.81 11.84 12.13
CA VAL A 64 -0.68 12.47 12.85
C VAL A 64 -1.23 13.42 13.94
N TRP A 65 -1.97 14.45 13.57
CA TRP A 65 -2.61 15.41 14.51
C TRP A 65 -3.56 14.68 15.48
N THR A 66 -4.39 13.75 15.02
CA THR A 66 -5.35 13.02 15.92
C THR A 66 -4.57 12.33 17.06
N MET A 67 -3.52 11.58 16.71
CA MET A 67 -2.82 10.72 17.67
C MET A 67 -2.08 11.62 18.65
N GLU A 68 -1.61 12.75 18.14
CA GLU A 68 -0.95 13.81 18.94
C GLU A 68 -1.95 14.35 19.98
N GLU A 69 -3.21 14.57 19.59
CA GLU A 69 -4.22 15.11 20.51
C GLU A 69 -4.34 14.17 21.72
N ARG A 70 -4.12 12.90 21.48
CA ARG A 70 -4.35 11.86 22.49
C ARG A 70 -3.04 11.38 23.15
N GLY A 71 -1.88 12.00 22.87
CA GLY A 71 -0.58 11.58 23.45
C GLY A 71 0.01 10.34 22.77
N LEU A 72 -0.37 10.07 21.54
CA LEU A 72 -0.03 8.79 20.89
C LEU A 72 0.80 9.13 19.68
N ALA A 73 1.43 8.14 19.08
CA ALA A 73 2.36 8.43 17.97
C ALA A 73 1.67 7.89 16.72
N PRO A 74 1.75 8.59 15.57
CA PRO A 74 1.34 8.02 14.29
C PRO A 74 2.32 6.92 13.90
N LYS A 75 1.89 5.93 13.14
CA LYS A 75 2.77 4.83 12.69
C LYS A 75 2.88 4.90 11.16
N PHE A 76 4.11 4.91 10.66
CA PHE A 76 4.44 4.68 9.25
C PHE A 76 4.72 3.19 9.03
N ASP A 77 4.17 2.63 7.96
CA ASP A 77 4.39 1.21 7.53
C ASP A 77 5.40 1.21 6.38
N THR A 78 5.98 2.37 6.02
CA THR A 78 6.98 2.51 4.94
C THR A 78 7.79 3.76 5.13
N THR A 79 8.91 3.89 4.39
CA THR A 79 9.59 5.19 4.28
C THR A 79 8.89 5.95 3.18
N PHE A 80 9.19 7.23 3.05
CA PHE A 80 8.73 8.00 1.89
C PHE A 80 9.30 7.38 0.62
N GLU A 81 10.57 6.93 0.67
CA GLU A 81 11.28 6.39 -0.50
C GLU A 81 10.76 5.02 -0.91
N SER A 82 10.36 4.20 0.03
CA SER A 82 9.89 2.84 -0.24
C SER A 82 8.39 2.84 -0.51
N ALA A 83 7.74 3.98 -0.40
CA ALA A 83 6.26 4.02 -0.55
C ALA A 83 5.91 3.80 -2.01
N ARG A 84 4.94 2.98 -2.31
CA ARG A 84 4.51 2.80 -3.70
C ARG A 84 3.21 3.53 -3.92
N PRO A 85 3.00 4.16 -5.07
CA PRO A 85 1.69 4.76 -5.37
C PRO A 85 0.54 3.74 -5.25
N THR A 86 -0.60 4.21 -4.74
CA THR A 86 -1.79 3.39 -4.57
C THR A 86 -2.50 3.19 -5.90
N GLN A 87 -3.42 2.26 -5.92
CA GLN A 87 -4.33 2.04 -7.06
C GLN A 87 -5.00 3.38 -7.41
N THR A 88 -5.35 4.20 -6.44
CA THR A 88 -5.96 5.53 -6.71
C THR A 88 -4.95 6.41 -7.44
N HIS A 89 -3.68 6.40 -7.01
CA HIS A 89 -2.63 7.20 -7.66
C HIS A 89 -2.46 6.80 -9.12
N MET A 90 -2.40 5.50 -9.38
CA MET A 90 -2.21 4.94 -10.73
C MET A 90 -3.47 5.20 -11.59
N ALA A 91 -4.67 5.15 -11.01
CA ALA A 91 -5.88 5.49 -11.77
C ALA A 91 -5.82 6.96 -12.21
N LEU A 92 -5.31 7.86 -11.36
CA LEU A 92 -5.24 9.29 -11.76
C LEU A 92 -4.29 9.44 -12.97
N VAL A 93 -3.23 8.61 -13.03
CA VAL A 93 -2.21 8.67 -14.12
C VAL A 93 -2.98 8.34 -15.41
N GLN A 94 -3.75 7.26 -15.38
CA GLN A 94 -4.49 6.73 -16.52
C GLN A 94 -5.53 7.74 -16.99
N LEU A 95 -6.16 8.44 -16.08
CA LEU A 95 -7.33 9.29 -16.44
C LEU A 95 -6.77 10.55 -17.10
N GLU A 96 -5.65 11.03 -16.60
CA GLU A 96 -4.90 12.13 -17.31
C GLU A 96 -4.49 11.63 -18.71
N ARG A 97 -4.12 10.35 -18.89
CA ARG A 97 -3.48 9.97 -20.20
C ARG A 97 -4.57 9.89 -21.25
N VAL A 98 -5.80 9.54 -20.87
CA VAL A 98 -6.96 9.34 -21.77
C VAL A 98 -7.78 10.63 -21.87
N GLY A 99 -7.26 11.76 -21.37
CA GLY A 99 -7.88 13.10 -21.53
C GLY A 99 -9.06 13.31 -20.61
N LEU A 100 -9.33 12.39 -19.69
CA LEU A 100 -10.47 12.52 -18.76
C LEU A 100 -10.12 13.38 -17.54
N LEU A 101 -8.87 13.67 -17.28
CA LEU A 101 -8.55 14.51 -16.09
C LEU A 101 -7.88 15.77 -16.59
N ARG A 102 -8.51 16.93 -16.43
CA ARG A 102 -7.87 18.19 -16.93
C ARG A 102 -6.72 18.62 -15.99
N PHE A 103 -6.89 18.55 -14.67
CA PHE A 103 -5.86 18.97 -13.69
C PHE A 103 -6.00 18.23 -12.36
N LEU A 104 -4.88 18.14 -11.68
CA LEU A 104 -4.82 17.46 -10.38
C LEU A 104 -4.28 18.48 -9.40
N VAL A 105 -4.98 18.63 -8.29
CA VAL A 105 -4.54 19.51 -7.18
C VAL A 105 -4.40 18.69 -5.91
N SER A 106 -3.22 18.71 -5.30
CA SER A 106 -2.82 17.86 -4.17
C SER A 106 -2.26 18.74 -3.09
N GLN A 107 -2.70 18.43 -1.86
CA GLN A 107 -2.16 19.03 -0.66
C GLN A 107 -1.04 18.15 -0.16
N ASN A 108 -0.80 16.99 -0.79
CA ASN A 108 0.17 16.00 -0.22
C ASN A 108 1.58 16.44 -0.55
N VAL A 109 2.49 16.22 0.41
CA VAL A 109 3.94 16.49 0.26
C VAL A 109 4.66 15.14 0.11
N ASP A 110 3.91 14.05 0.17
CA ASP A 110 4.48 12.66 0.07
C ASP A 110 5.16 12.33 -1.28
N GLY A 111 5.14 13.21 -2.28
CA GLY A 111 5.89 12.96 -3.54
C GLY A 111 5.30 11.87 -4.46
N LEU A 112 4.14 11.30 -4.19
CA LEU A 112 3.75 10.02 -4.82
C LEU A 112 3.14 10.28 -6.19
N HIS A 113 2.46 11.42 -6.35
CA HIS A 113 1.90 11.83 -7.66
C HIS A 113 3.08 11.92 -8.60
N VAL A 114 4.19 12.55 -8.21
CA VAL A 114 5.29 12.73 -9.22
C VAL A 114 5.85 11.35 -9.49
N ARG A 115 6.12 10.60 -8.43
CA ARG A 115 6.87 9.34 -8.59
C ARG A 115 6.06 8.37 -9.40
N SER A 116 4.72 8.52 -9.36
CA SER A 116 3.77 7.66 -10.10
C SER A 116 3.89 7.91 -11.59
N GLY A 117 4.41 9.07 -12.00
CA GLY A 117 4.68 9.47 -13.40
C GLY A 117 3.68 10.49 -13.88
N PHE A 118 3.01 11.19 -12.96
CA PHE A 118 1.92 12.11 -13.33
C PHE A 118 2.58 13.37 -13.89
N PRO A 119 2.18 13.88 -15.06
CA PRO A 119 2.78 15.09 -15.61
C PRO A 119 2.72 16.29 -14.64
N ARG A 120 3.90 16.80 -14.28
CA ARG A 120 4.08 17.98 -13.40
C ARG A 120 3.39 19.21 -13.99
N ASP A 121 3.26 19.32 -15.30
CA ASP A 121 2.61 20.51 -15.92
C ASP A 121 1.09 20.34 -15.77
N LYS A 122 0.59 19.25 -15.17
CA LYS A 122 -0.89 19.11 -14.91
C LYS A 122 -1.16 18.92 -13.41
N LEU A 123 -0.17 19.14 -12.59
CA LEU A 123 -0.24 19.03 -11.13
C LEU A 123 0.14 20.33 -10.40
N ALA A 124 -0.61 20.68 -9.37
CA ALA A 124 -0.32 21.71 -8.35
C ALA A 124 -0.09 20.99 -7.02
N GLU A 125 1.15 21.08 -6.49
CA GLU A 125 1.52 20.58 -5.18
C GLU A 125 1.50 21.75 -4.18
N LEU A 126 0.36 21.87 -3.51
CA LEU A 126 -0.03 23.11 -2.80
C LEU A 126 0.86 23.30 -1.62
N HIS A 127 1.25 22.19 -0.98
CA HIS A 127 1.96 22.23 0.31
C HIS A 127 3.42 21.84 0.08
N GLY A 128 3.81 21.68 -1.18
CA GLY A 128 5.19 21.32 -1.60
C GLY A 128 5.43 19.79 -1.61
N ASN A 129 6.67 19.38 -1.74
CA ASN A 129 6.98 17.98 -2.17
C ASN A 129 8.26 17.64 -1.45
N MET A 130 8.27 16.56 -0.67
CA MET A 130 9.50 16.35 0.15
C MET A 130 10.71 15.99 -0.71
N PHE A 131 10.53 15.59 -1.99
CA PHE A 131 11.67 15.16 -2.84
C PHE A 131 12.15 16.36 -3.67
N VAL A 132 11.47 17.49 -3.54
CA VAL A 132 11.68 18.65 -4.44
C VAL A 132 12.41 19.72 -3.66
N GLU A 133 13.62 20.09 -4.11
CA GLU A 133 14.25 21.37 -3.71
C GLU A 133 14.16 22.36 -4.87
N GLU A 134 14.36 23.62 -4.51
CA GLU A 134 14.20 24.77 -5.43
C GLU A 134 15.35 25.74 -5.20
N CYS A 135 15.93 26.23 -6.30
CA CYS A 135 16.97 27.29 -6.27
C CYS A 135 16.34 28.59 -5.79
N ALA A 136 16.82 29.12 -4.67
CA ALA A 136 16.42 30.47 -4.21
C ALA A 136 16.73 31.47 -5.33
N LYS A 137 17.88 31.32 -6.01
CA LYS A 137 18.33 32.25 -7.08
C LYS A 137 17.50 32.06 -8.34
N CYS A 138 17.55 30.91 -9.04
CA CYS A 138 16.92 30.84 -10.39
C CYS A 138 15.54 30.17 -10.39
N LYS A 139 15.03 29.76 -9.24
CA LYS A 139 13.72 29.08 -9.06
C LYS A 139 13.74 27.69 -9.72
N THR A 140 14.89 27.19 -10.19
CA THR A 140 14.92 25.82 -10.79
C THR A 140 14.68 24.80 -9.67
N GLN A 141 13.75 23.89 -9.91
CA GLN A 141 13.38 22.83 -8.94
C GLN A 141 14.16 21.58 -9.33
N TYR A 142 14.48 20.73 -8.35
CA TYR A 142 15.18 19.44 -8.56
C TYR A 142 14.34 18.37 -7.87
N VAL A 143 14.03 17.30 -8.60
CA VAL A 143 13.25 16.17 -8.06
C VAL A 143 14.23 15.10 -7.68
N ARG A 144 14.49 14.91 -6.37
CA ARG A 144 15.47 13.92 -5.91
C ARG A 144 14.86 12.53 -5.77
N ASP A 145 15.72 11.55 -5.63
CA ASP A 145 15.36 10.12 -5.43
C ASP A 145 15.26 9.80 -3.97
N THR A 146 15.60 10.76 -3.10
CA THR A 146 15.42 10.66 -1.63
C THR A 146 14.81 11.95 -1.09
N VAL A 147 14.27 11.87 0.14
CA VAL A 147 13.62 13.04 0.76
C VAL A 147 14.69 14.11 0.97
N VAL A 148 14.35 15.33 0.60
CA VAL A 148 15.17 16.54 0.87
C VAL A 148 15.02 16.73 2.41
N GLY A 149 16.13 16.80 3.14
CA GLY A 149 16.20 16.66 4.62
C GLY A 149 15.64 17.84 5.43
N THR A 150 15.32 18.98 4.84
CA THR A 150 14.82 20.15 5.60
C THR A 150 13.30 20.34 5.36
N MET A 151 12.63 21.10 6.22
CA MET A 151 11.20 21.52 6.10
C MET A 151 11.13 23.03 6.32
N GLY A 152 10.07 23.69 5.89
CA GLY A 152 9.95 25.11 6.23
C GLY A 152 10.80 25.99 5.36
N LEU A 153 11.09 25.54 4.12
CA LEU A 153 11.80 26.26 3.06
C LEU A 153 13.20 26.67 3.53
N LYS A 154 13.94 25.74 4.14
CA LYS A 154 15.33 25.97 4.63
C LYS A 154 16.33 25.47 3.58
N ALA A 155 17.52 26.04 3.55
CA ALA A 155 18.64 25.65 2.67
C ALA A 155 18.96 24.21 3.03
N THR A 156 19.15 23.37 2.02
CA THR A 156 19.38 21.93 2.17
C THR A 156 20.88 21.68 2.35
N GLY A 157 21.70 22.61 1.83
CA GLY A 157 23.18 22.51 1.80
C GLY A 157 23.69 22.23 0.40
N ARG A 158 22.80 22.10 -0.60
CA ARG A 158 23.20 21.89 -2.01
C ARG A 158 23.06 23.24 -2.75
N LEU A 159 23.85 23.43 -3.81
CA LEU A 159 23.83 24.65 -4.66
C LEU A 159 23.25 24.31 -6.03
N CYS A 160 22.64 25.29 -6.72
CA CYS A 160 22.07 25.15 -8.08
C CYS A 160 23.18 24.87 -9.12
N THR A 161 23.03 23.81 -9.92
CA THR A 161 24.03 23.42 -10.93
C THR A 161 23.58 23.90 -12.31
N VAL A 162 22.57 24.77 -12.43
CA VAL A 162 22.11 25.28 -13.75
C VAL A 162 23.22 26.14 -14.37
N ALA A 163 23.33 26.09 -15.71
CA ALA A 163 24.38 26.75 -16.53
C ALA A 163 24.14 28.26 -16.58
N CYS A 171 25.26 28.57 -11.63
CA CYS A 171 24.26 29.41 -10.92
C CYS A 171 24.66 29.57 -9.46
N ARG A 172 24.94 28.43 -8.84
CA ARG A 172 25.45 28.29 -7.46
C ARG A 172 24.43 28.82 -6.45
N GLY A 173 23.16 28.99 -6.85
CA GLY A 173 22.07 29.39 -5.92
C GLY A 173 21.91 28.41 -4.78
N GLU A 174 21.48 28.88 -3.59
CA GLU A 174 21.20 27.97 -2.45
C GLU A 174 19.92 27.19 -2.77
N LEU A 175 19.97 25.87 -2.67
CA LEU A 175 18.78 25.00 -2.83
C LEU A 175 18.05 24.98 -1.50
N ARG A 176 16.72 25.09 -1.53
CA ARG A 176 15.88 24.96 -0.31
C ARG A 176 14.82 23.86 -0.52
N ASP A 177 14.30 23.29 0.58
CA ASP A 177 13.08 22.43 0.56
C ASP A 177 11.92 23.27 0.05
N THR A 178 10.81 22.61 -0.30
CA THR A 178 9.53 23.21 -0.71
C THR A 178 8.46 22.96 0.37
N ILE A 179 8.82 22.49 1.55
CA ILE A 179 7.79 22.16 2.55
C ILE A 179 7.30 23.45 3.22
N LEU A 180 6.05 23.82 2.97
CA LEU A 180 5.47 25.00 3.62
C LEU A 180 5.47 24.79 5.14
N ASP A 181 5.81 25.83 5.90
CA ASP A 181 5.55 25.85 7.38
C ASP A 181 4.18 26.45 7.61
N TRP A 182 3.72 26.50 8.88
CA TRP A 182 2.39 27.06 9.19
C TRP A 182 2.29 28.49 8.65
N GLU A 183 3.32 29.32 8.82
CA GLU A 183 3.19 30.77 8.48
C GLU A 183 3.24 30.95 6.96
N ASP A 184 3.81 29.98 6.24
CA ASP A 184 4.17 30.12 4.80
C ASP A 184 2.95 30.20 3.89
N SER A 185 2.99 31.20 3.01
CA SER A 185 1.99 31.36 1.94
C SER A 185 2.18 30.23 0.93
N LEU A 186 1.11 29.77 0.31
CA LEU A 186 1.21 28.73 -0.76
C LEU A 186 1.96 29.28 -1.98
N PRO A 187 2.67 28.43 -2.74
CA PRO A 187 3.31 28.81 -4.00
C PRO A 187 2.34 29.44 -5.02
N ASP A 188 2.57 30.71 -5.34
CA ASP A 188 1.76 31.52 -6.28
C ASP A 188 1.49 30.73 -7.55
N ARG A 189 2.54 30.16 -8.16
CA ARG A 189 2.40 29.43 -9.44
C ARG A 189 1.35 28.31 -9.26
N ASP A 190 1.57 27.39 -8.32
CA ASP A 190 0.70 26.20 -8.13
C ASP A 190 -0.70 26.69 -7.80
N LEU A 191 -0.81 27.72 -6.97
CA LEU A 191 -2.13 28.17 -6.48
C LEU A 191 -2.92 28.80 -7.62
N ALA A 192 -2.22 29.52 -8.49
CA ALA A 192 -2.87 30.23 -9.58
C ALA A 192 -3.41 29.18 -10.54
N LEU A 193 -2.60 28.21 -10.93
CA LEU A 193 -3.10 27.19 -11.91
C LEU A 193 -4.22 26.36 -11.28
N ALA A 194 -4.09 26.00 -10.00
CA ALA A 194 -5.12 25.24 -9.23
C ALA A 194 -6.44 26.00 -9.27
N ASP A 195 -6.36 27.30 -9.03
CA ASP A 195 -7.53 28.20 -8.87
C ASP A 195 -8.19 28.33 -10.25
N GLU A 196 -7.37 28.54 -11.27
CA GLU A 196 -7.88 28.68 -12.66
C GLU A 196 -8.58 27.37 -13.05
N ALA A 197 -7.87 26.23 -12.89
CA ALA A 197 -8.47 24.91 -13.22
C ALA A 197 -9.79 24.73 -12.47
N SER A 198 -9.81 25.06 -11.16
CA SER A 198 -10.99 24.91 -10.27
C SER A 198 -12.15 25.83 -10.72
N ARG A 199 -11.84 27.09 -11.05
CA ARG A 199 -12.83 28.12 -11.51
C ARG A 199 -13.47 27.63 -12.82
N ASN A 200 -12.64 27.14 -13.72
CA ASN A 200 -13.07 26.75 -15.09
C ASN A 200 -13.61 25.34 -15.16
N ALA A 201 -13.42 24.50 -14.13
CA ALA A 201 -13.92 23.08 -14.16
C ALA A 201 -15.45 23.00 -14.09
N ASP A 202 -16.03 21.94 -14.69
CA ASP A 202 -17.45 21.62 -14.60
C ASP A 202 -17.64 20.45 -13.62
N LEU A 203 -16.57 19.77 -13.24
CA LEU A 203 -16.67 18.72 -12.18
C LEU A 203 -15.40 18.72 -11.34
N SER A 204 -15.55 18.89 -10.02
CA SER A 204 -14.42 18.79 -9.08
C SER A 204 -14.66 17.56 -8.21
N ILE A 205 -13.71 16.66 -8.18
CA ILE A 205 -13.78 15.40 -7.37
C ILE A 205 -12.70 15.46 -6.31
N THR A 206 -13.08 15.32 -5.02
CA THR A 206 -12.12 15.34 -3.91
C THR A 206 -11.89 13.91 -3.42
N LEU A 207 -10.62 13.57 -3.13
CA LEU A 207 -10.27 12.17 -2.72
C LEU A 207 -9.52 12.28 -1.38
N GLY A 208 -9.96 11.63 -0.29
CA GLY A 208 -9.12 11.51 0.95
C GLY A 208 -8.54 12.88 1.40
N THR A 209 -9.36 13.93 1.38
CA THR A 209 -9.07 15.25 2.00
C THR A 209 -10.29 15.73 2.84
N SER A 210 -10.05 16.32 4.02
CA SER A 210 -11.11 16.75 4.93
C SER A 210 -11.46 18.22 4.65
N LEU A 211 -10.76 18.85 3.72
CA LEU A 211 -11.07 20.20 3.15
C LEU A 211 -11.07 21.29 4.20
N GLN A 212 -10.25 21.16 5.23
CA GLN A 212 -10.30 22.04 6.43
C GLN A 212 -9.30 23.18 6.29
N ILE A 213 -8.34 23.07 5.37
CA ILE A 213 -7.26 24.04 5.12
C ILE A 213 -7.71 25.07 4.11
N ARG A 214 -7.56 26.33 4.46
CA ARG A 214 -7.78 27.50 3.58
C ARG A 214 -6.41 27.87 3.02
N PRO A 215 -6.25 28.06 1.69
CA PRO A 215 -7.35 28.00 0.74
C PRO A 215 -7.43 26.68 -0.01
N SER A 216 -6.48 25.77 0.22
CA SER A 216 -6.47 24.41 -0.42
C SER A 216 -7.86 23.78 -0.46
N GLY A 217 -8.48 23.60 0.71
CA GLY A 217 -9.78 22.92 0.87
C GLY A 217 -10.95 23.71 0.31
N ASN A 218 -10.74 24.98 -0.09
CA ASN A 218 -11.79 25.83 -0.71
C ASN A 218 -11.91 25.66 -2.21
N LEU A 219 -10.80 25.31 -2.87
CA LEU A 219 -10.70 25.21 -4.34
C LEU A 219 -11.85 24.42 -4.94
N PRO A 220 -12.24 23.25 -4.43
CA PRO A 220 -13.40 22.56 -4.98
C PRO A 220 -14.68 23.42 -5.01
N LEU A 221 -14.90 24.30 -4.04
CA LEU A 221 -16.12 25.15 -4.03
C LEU A 221 -16.16 26.10 -5.24
N ALA A 222 -15.03 26.40 -5.86
CA ALA A 222 -14.95 27.37 -6.98
C ALA A 222 -15.66 26.78 -8.20
N THR A 223 -15.55 25.46 -8.35
CA THR A 223 -16.23 24.68 -9.40
C THR A 223 -17.74 24.93 -9.25
N LYS A 224 -18.25 24.92 -8.04
CA LYS A 224 -19.71 25.18 -7.79
C LYS A 224 -20.26 26.46 -8.47
N ARG A 225 -19.53 27.59 -8.45
CA ARG A 225 -19.95 28.83 -9.16
C ARG A 225 -19.99 28.58 -10.68
N ARG A 226 -21.02 29.10 -11.35
CA ARG A 226 -21.42 28.82 -12.76
C ARG A 226 -21.75 27.34 -12.90
N GLY A 227 -22.11 26.68 -11.79
CA GLY A 227 -22.99 25.51 -11.81
C GLY A 227 -22.23 24.22 -12.06
N GLY A 228 -20.98 24.19 -11.62
CA GLY A 228 -20.16 22.97 -11.70
C GLY A 228 -20.57 22.00 -10.64
N ARG A 229 -20.25 20.71 -10.80
CA ARG A 229 -20.66 19.71 -9.81
C ARG A 229 -19.47 19.38 -8.92
N LEU A 230 -19.76 19.14 -7.64
CA LEU A 230 -18.72 18.81 -6.65
C LEU A 230 -19.01 17.39 -6.10
N VAL A 231 -18.02 16.51 -6.18
CA VAL A 231 -18.10 15.14 -5.59
C VAL A 231 -16.99 15.02 -4.54
N ILE A 232 -17.29 14.47 -3.38
CA ILE A 232 -16.38 14.29 -2.23
C ILE A 232 -16.31 12.81 -1.90
N VAL A 233 -15.13 12.20 -2.03
CA VAL A 233 -14.89 10.80 -1.58
C VAL A 233 -13.99 10.89 -0.35
N ASN A 234 -14.48 10.38 0.79
CA ASN A 234 -13.88 10.57 2.11
C ASN A 234 -14.55 9.65 3.12
N LEU A 235 -13.76 8.98 3.96
CA LEU A 235 -14.30 8.10 5.01
C LEU A 235 -14.93 8.94 6.15
N GLN A 236 -14.38 10.12 6.39
CA GLN A 236 -14.89 11.06 7.42
C GLN A 236 -15.67 12.17 6.74
N PRO A 237 -16.51 12.85 7.53
CA PRO A 237 -17.09 14.14 7.15
C PRO A 237 -15.96 15.08 6.72
N THR A 238 -16.30 15.97 5.84
CA THR A 238 -15.46 17.04 5.37
C THR A 238 -16.12 18.37 5.59
N LYS A 239 -15.31 19.42 5.61
CA LYS A 239 -15.81 20.80 5.87
C LYS A 239 -16.93 21.14 4.89
N HIS A 240 -16.89 20.71 3.63
CA HIS A 240 -17.86 21.23 2.64
C HIS A 240 -18.93 20.22 2.27
N ASP A 241 -19.12 19.13 3.03
CA ASP A 241 -20.12 18.08 2.72
C ASP A 241 -21.45 18.71 2.32
N ARG A 242 -21.85 19.87 2.89
CA ARG A 242 -23.14 20.57 2.59
C ARG A 242 -23.25 20.91 1.10
N HIS A 243 -22.10 21.18 0.48
CA HIS A 243 -21.99 21.81 -0.86
C HIS A 243 -21.87 20.73 -1.94
N ALA A 244 -21.70 19.47 -1.54
CA ALA A 244 -21.40 18.35 -2.44
C ALA A 244 -22.68 17.91 -3.13
N ASP A 245 -22.61 17.61 -4.43
CA ASP A 245 -23.78 17.01 -5.14
C ASP A 245 -23.78 15.50 -4.88
N LEU A 246 -22.66 14.95 -4.42
CA LEU A 246 -22.46 13.49 -4.25
C LEU A 246 -21.35 13.29 -3.20
N ARG A 247 -21.65 12.59 -2.10
CA ARG A 247 -20.68 12.24 -1.06
C ARG A 247 -20.56 10.71 -1.07
N ILE A 248 -19.34 10.20 -1.23
CA ILE A 248 -19.12 8.75 -1.22
C ILE A 248 -18.21 8.41 -0.08
N HIS A 249 -18.77 7.64 0.85
CA HIS A 249 -18.12 7.24 2.13
C HIS A 249 -17.57 5.82 1.94
N GLY A 250 -16.32 5.74 1.50
CA GLY A 250 -15.57 4.49 1.26
C GLY A 250 -14.10 4.73 0.99
N TYR A 251 -13.35 3.65 1.03
CA TYR A 251 -11.93 3.59 0.60
C TYR A 251 -11.81 4.05 -0.83
N VAL A 252 -10.89 5.00 -1.07
CA VAL A 252 -10.70 5.57 -2.42
C VAL A 252 -10.24 4.48 -3.40
N ASP A 253 -9.41 3.56 -2.94
CA ASP A 253 -8.94 2.46 -3.79
C ASP A 253 -10.16 1.69 -4.30
N GLU A 254 -11.15 1.42 -3.47
CA GLU A 254 -12.37 0.70 -3.92
C GLU A 254 -13.21 1.60 -4.84
N VAL A 255 -13.41 2.85 -4.47
CA VAL A 255 -14.19 3.78 -5.33
C VAL A 255 -13.50 3.94 -6.68
N MET A 256 -12.18 4.16 -6.71
CA MET A 256 -11.48 4.41 -7.97
C MET A 256 -11.43 3.15 -8.84
N THR A 257 -11.22 1.99 -8.22
CA THR A 257 -11.20 0.72 -8.94
C THR A 257 -12.51 0.47 -9.62
N ARG A 258 -13.61 0.61 -8.89
CA ARG A 258 -14.94 0.35 -9.47
C ARG A 258 -15.20 1.39 -10.55
N LEU A 259 -14.81 2.63 -10.31
CA LEU A 259 -15.07 3.68 -11.31
C LEU A 259 -14.33 3.36 -12.62
N MET A 260 -13.06 2.97 -12.52
CA MET A 260 -12.26 2.71 -13.72
C MET A 260 -12.93 1.59 -14.53
N LYS A 261 -13.44 0.54 -13.86
CA LYS A 261 -14.10 -0.59 -14.56
C LYS A 261 -15.32 -0.03 -15.30
N HIS A 262 -16.15 0.79 -14.64
CA HIS A 262 -17.31 1.47 -15.28
C HIS A 262 -16.77 2.25 -16.48
N LEU A 263 -15.61 2.89 -16.34
CA LEU A 263 -15.08 3.74 -17.44
C LEU A 263 -14.45 2.92 -18.56
N GLY A 264 -14.28 1.59 -18.39
CA GLY A 264 -13.64 0.70 -19.34
C GLY A 264 -12.14 0.88 -19.36
N LEU A 265 -11.52 1.31 -18.28
CA LEU A 265 -10.08 1.65 -18.21
C LEU A 265 -9.38 0.69 -17.26
N GLU A 266 -8.16 0.34 -17.65
CA GLU A 266 -7.26 -0.45 -16.79
C GLU A 266 -6.41 0.50 -15.97
N ILE A 267 -6.03 0.00 -14.83
CA ILE A 267 -5.14 0.70 -13.87
C ILE A 267 -3.74 0.23 -14.21
N PRO A 268 -2.92 1.14 -14.75
CA PRO A 268 -1.60 0.79 -15.24
C PRO A 268 -0.58 0.41 -14.17
N ALA A 269 0.42 -0.35 -14.61
CA ALA A 269 1.53 -0.83 -13.75
C ALA A 269 2.43 0.34 -13.38
N TRP A 270 2.96 0.35 -12.16
CA TRP A 270 3.95 1.37 -11.73
C TRP A 270 5.34 0.82 -12.02
N ASP A 271 6.13 1.51 -12.82
CA ASP A 271 7.45 0.99 -13.30
C ASP A 271 8.52 1.44 -12.31
N GLY A 272 8.15 1.85 -11.08
CA GLY A 272 9.08 2.44 -10.13
C GLY A 272 9.13 3.97 -10.34
N PRO A 273 9.86 4.71 -9.50
CA PRO A 273 9.80 6.18 -9.44
C PRO A 273 10.25 6.79 -10.76
N ARG A 274 9.34 7.54 -11.38
CA ARG A 274 9.71 8.28 -12.61
C ARG A 274 9.18 9.68 -12.48
N VAL A 275 9.73 10.61 -13.26
CA VAL A 275 9.37 12.05 -13.25
C VAL A 275 9.05 12.41 -14.66
N LEU A 276 7.78 12.74 -14.97
CA LEU A 276 7.36 13.33 -16.22
C LEU A 276 7.15 14.85 -16.02
N GLU A 277 7.97 15.68 -16.65
CA GLU A 277 7.80 17.15 -16.63
C GLU A 277 6.49 17.51 -17.29
N ARG A 278 6.26 17.02 -18.51
CA ARG A 278 5.24 17.55 -19.45
C ARG A 278 4.36 16.40 -19.91
N ALA A 279 3.05 16.63 -19.83
CA ALA A 279 1.94 15.79 -20.32
C ALA A 279 2.22 15.42 -21.77
N LEU A 280 2.07 14.11 -22.00
CA LEU A 280 2.19 13.40 -23.27
C LEU A 280 0.89 13.62 -24.01
N PRO A 281 0.93 13.43 -25.35
CA PRO A 281 -0.27 13.39 -26.18
C PRO A 281 -1.31 12.38 -25.74
N PRO A 282 -2.57 12.80 -25.65
CA PRO A 282 -3.67 11.98 -25.12
C PRO A 282 -3.93 10.65 -25.84
N LEU A 283 -4.15 9.60 -25.05
CA LEU A 283 -4.32 8.23 -25.62
C LEU A 283 -5.80 8.03 -25.95
N PRO A 284 -6.14 7.06 -26.79
CA PRO A 284 -7.54 6.77 -27.09
C PRO A 284 -8.31 6.47 -25.77
N ARG A 285 -9.63 6.64 -25.75
CA ARG A 285 -10.51 6.28 -24.61
C ARG A 285 -11.75 5.54 -25.12
N PRO A 286 -12.38 4.66 -24.31
CA PRO A 286 -13.56 3.95 -24.79
C PRO A 286 -14.65 4.97 -25.19
N PRO A 287 -15.59 4.56 -26.07
CA PRO A 287 -16.70 5.44 -26.41
C PRO A 287 -17.66 5.59 -25.21
N THR A 288 -18.43 6.67 -25.22
CA THR A 288 -19.27 7.15 -24.10
C THR A 288 -20.60 6.38 -24.10
N PRO A 289 -21.14 6.04 -22.91
CA PRO A 289 -22.48 5.49 -22.84
C PRO A 289 -23.51 6.55 -23.21
N LYS A 290 -24.63 6.09 -23.77
CA LYS A 290 -25.87 6.87 -23.94
C LYS A 290 -26.46 6.98 -22.54
N LEU A 291 -26.61 8.22 -22.08
CA LEU A 291 -27.19 8.52 -20.75
C LEU A 291 -28.50 9.25 -20.99
N GLU A 292 -29.64 8.58 -20.74
CA GLU A 292 -31.04 8.99 -21.10
C GLU A 292 -31.51 8.19 -22.32
N LYS B 9 -1.89 -13.51 24.51
CA LYS B 9 -1.57 -13.07 23.10
C LYS B 9 -0.13 -12.52 23.01
N GLY B 10 0.80 -13.15 23.71
CA GLY B 10 2.23 -12.84 23.68
C GLY B 10 2.54 -11.38 23.99
N LYS B 11 3.81 -11.01 23.83
CA LYS B 11 4.34 -9.63 24.00
C LYS B 11 3.91 -8.75 22.81
N CYS B 12 3.22 -7.65 23.08
CA CYS B 12 2.60 -6.77 22.05
C CYS B 12 3.18 -5.38 22.25
N GLY B 13 3.43 -4.65 21.16
CA GLY B 13 3.84 -3.22 21.19
C GLY B 13 5.26 -2.98 21.72
N LEU B 14 6.14 -3.95 21.65
CA LEU B 14 7.60 -3.72 21.82
C LEU B 14 8.11 -2.62 20.89
N PRO B 15 9.17 -1.89 21.27
CA PRO B 15 9.67 -0.82 20.43
C PRO B 15 10.28 -1.42 19.15
N GLU B 16 10.09 -0.65 18.08
CA GLU B 16 10.74 -0.91 16.78
C GLU B 16 12.24 -0.63 16.85
N ILE B 17 12.99 -1.35 16.01
CA ILE B 17 14.45 -1.25 15.78
C ILE B 17 14.60 -0.87 14.29
N PHE B 18 15.42 0.14 13.98
CA PHE B 18 15.75 0.63 12.62
C PHE B 18 17.27 0.57 12.45
N ASP B 19 17.78 -0.42 11.74
CA ASP B 19 19.22 -0.46 11.44
C ASP B 19 19.57 0.83 10.70
N PRO B 20 20.70 1.52 11.00
CA PRO B 20 21.16 2.65 10.19
C PRO B 20 21.47 2.18 8.78
N PRO B 21 21.35 3.09 7.79
CA PRO B 21 21.36 2.74 6.36
C PRO B 21 22.60 1.95 5.87
N GLU B 22 23.80 2.32 6.35
CA GLU B 22 25.06 1.62 5.97
C GLU B 22 25.01 0.19 6.55
N GLU B 23 24.44 0.03 7.74
CA GLU B 23 24.34 -1.32 8.33
C GLU B 23 23.26 -2.07 7.57
N LEU B 24 22.17 -1.38 7.20
CA LEU B 24 21.00 -1.98 6.51
C LEU B 24 21.47 -2.54 5.15
N GLU B 25 22.10 -1.66 4.36
CA GLU B 25 22.77 -1.98 3.07
C GLU B 25 23.68 -3.20 3.21
N ARG B 26 24.51 -3.25 4.26
CA ARG B 26 25.48 -4.35 4.44
C ARG B 26 24.70 -5.66 4.69
N LYS B 27 23.68 -5.62 5.52
CA LYS B 27 22.97 -6.86 5.94
C LYS B 27 22.23 -7.47 4.74
N VAL B 28 21.74 -6.62 3.85
CA VAL B 28 20.91 -7.05 2.70
C VAL B 28 21.85 -7.64 1.66
N TRP B 29 23.06 -7.13 1.56
CA TRP B 29 24.10 -7.71 0.67
C TRP B 29 24.39 -9.13 1.16
N GLU B 30 24.51 -9.29 2.46
CA GLU B 30 24.78 -10.59 3.10
C GLU B 30 23.61 -11.55 2.84
N LEU B 31 22.40 -11.02 2.89
CA LEU B 31 21.19 -11.86 2.63
C LEU B 31 21.31 -12.32 1.17
N ALA B 32 21.73 -11.43 0.27
CA ALA B 32 21.92 -11.77 -1.18
C ALA B 32 22.90 -12.93 -1.29
N ARG B 33 24.06 -12.84 -0.58
CA ARG B 33 25.13 -13.87 -0.58
C ARG B 33 24.52 -15.19 -0.13
N LEU B 34 23.72 -15.20 0.94
CA LEU B 34 23.14 -16.46 1.44
C LEU B 34 22.16 -17.02 0.40
N VAL B 35 21.44 -16.16 -0.30
CA VAL B 35 20.42 -16.64 -1.27
C VAL B 35 21.22 -17.31 -2.36
N TRP B 36 22.28 -16.65 -2.84
CA TRP B 36 23.15 -17.24 -3.92
C TRP B 36 23.79 -18.57 -3.48
N GLN B 37 24.14 -18.73 -2.20
CA GLN B 37 24.88 -19.92 -1.73
C GLN B 37 23.93 -21.10 -1.50
N SER B 38 22.62 -20.87 -1.32
CA SER B 38 21.70 -21.87 -0.73
C SER B 38 21.04 -22.63 -1.87
N SER B 39 20.80 -23.93 -1.68
CA SER B 39 20.12 -24.83 -2.65
C SER B 39 18.61 -24.72 -2.44
N SER B 40 18.19 -24.57 -1.20
CA SER B 40 16.76 -24.74 -0.86
C SER B 40 16.33 -23.71 0.19
N VAL B 41 15.70 -22.67 -0.30
CA VAL B 41 15.37 -21.38 0.38
C VAL B 41 13.86 -21.34 0.61
N VAL B 42 13.47 -21.28 1.88
CA VAL B 42 12.04 -21.22 2.27
C VAL B 42 11.82 -19.89 2.98
N PHE B 43 10.76 -19.21 2.62
CA PHE B 43 10.37 -17.95 3.25
C PHE B 43 9.21 -18.27 4.19
N HIS B 44 9.18 -17.57 5.32
CA HIS B 44 8.13 -17.59 6.34
C HIS B 44 7.59 -16.17 6.48
N THR B 45 6.35 -15.97 6.10
CA THR B 45 5.72 -14.63 6.23
C THR B 45 4.65 -14.56 7.31
N GLY B 46 4.46 -13.32 7.77
CA GLY B 46 3.58 -12.90 8.87
C GLY B 46 3.05 -11.52 8.56
N ALA B 47 2.26 -10.97 9.45
CA ALA B 47 1.33 -9.89 9.12
C ALA B 47 2.07 -8.58 8.78
N GLY B 48 3.31 -8.42 9.15
CA GLY B 48 4.23 -7.32 8.80
C GLY B 48 4.38 -7.13 7.28
N ILE B 49 4.22 -8.17 6.46
CA ILE B 49 4.32 -7.95 4.99
C ILE B 49 3.03 -7.35 4.38
N SER B 50 1.96 -7.21 5.14
CA SER B 50 0.74 -6.57 4.57
C SER B 50 0.50 -5.15 5.12
N THR B 51 1.25 -4.69 6.12
CA THR B 51 0.98 -3.37 6.76
C THR B 51 1.07 -2.25 5.72
N ALA B 52 2.03 -2.31 4.77
CA ALA B 52 2.24 -1.33 3.68
C ALA B 52 1.09 -1.40 2.63
N SER B 53 0.12 -2.29 2.82
CA SER B 53 -1.10 -2.28 1.96
C SER B 53 -2.30 -1.81 2.76
N GLY B 54 -2.09 -1.34 4.01
CA GLY B 54 -3.21 -0.78 4.80
C GLY B 54 -3.82 -1.76 5.80
N ILE B 55 -3.31 -3.02 5.83
CA ILE B 55 -3.76 -4.13 6.75
C ILE B 55 -2.90 -4.08 8.02
N PRO B 56 -3.48 -3.93 9.23
CA PRO B 56 -2.69 -3.84 10.44
C PRO B 56 -2.12 -5.21 10.83
N ASP B 57 -1.00 -5.26 11.54
CA ASP B 57 -0.45 -6.49 12.13
C ASP B 57 -1.21 -6.76 13.46
N PHE B 58 -0.77 -7.74 14.23
CA PHE B 58 -1.36 -8.07 15.56
C PHE B 58 -0.62 -7.40 16.71
N ARG B 59 0.71 -7.39 16.67
CA ARG B 59 1.54 -7.08 17.86
C ARG B 59 2.48 -5.89 17.63
N GLY B 60 2.44 -5.25 16.46
CA GLY B 60 3.17 -4.01 16.18
C GLY B 60 2.59 -2.82 16.96
N PRO B 61 3.22 -1.63 16.89
CA PRO B 61 2.78 -0.49 17.69
C PRO B 61 1.27 -0.26 17.67
N HIS B 62 0.66 -0.38 16.50
CA HIS B 62 -0.80 -0.21 16.17
C HIS B 62 -1.33 -1.58 15.70
N GLY B 63 -0.68 -2.69 16.08
CA GLY B 63 -1.25 -4.05 15.97
C GLY B 63 -2.67 -4.18 16.51
N VAL B 64 -3.47 -5.11 15.98
CA VAL B 64 -4.84 -5.43 16.46
C VAL B 64 -4.79 -5.65 17.99
N TRP B 65 -4.09 -6.68 18.47
CA TRP B 65 -3.97 -6.98 19.93
C TRP B 65 -3.36 -5.77 20.69
N THR B 66 -2.28 -5.16 20.19
CA THR B 66 -1.63 -3.99 20.86
C THR B 66 -2.66 -2.88 21.11
N MET B 67 -3.40 -2.50 20.08
CA MET B 67 -4.46 -1.49 20.21
C MET B 67 -5.53 -1.94 21.20
N GLU B 68 -5.96 -3.20 21.13
CA GLU B 68 -7.12 -3.68 21.96
C GLU B 68 -6.71 -3.66 23.45
N GLU B 69 -5.49 -4.09 23.76
CA GLU B 69 -5.02 -4.18 25.16
C GLU B 69 -4.88 -2.76 25.71
N ARG B 70 -4.88 -1.74 24.86
CA ARG B 70 -4.94 -0.31 25.31
C ARG B 70 -6.35 0.25 25.08
N GLY B 71 -7.31 -0.58 24.68
CA GLY B 71 -8.72 -0.16 24.53
C GLY B 71 -8.99 0.59 23.24
N LEU B 72 -8.17 0.35 22.21
CA LEU B 72 -8.28 1.12 20.94
C LEU B 72 -8.59 0.12 19.85
N ALA B 73 -8.95 0.61 18.67
CA ALA B 73 -9.35 -0.26 17.55
C ALA B 73 -8.18 -0.27 16.57
N PRO B 74 -7.84 -1.45 16.00
CA PRO B 74 -6.91 -1.57 14.87
C PRO B 74 -7.51 -0.84 13.68
N LYS B 75 -6.68 -0.23 12.83
CA LYS B 75 -7.23 0.61 11.74
C LYS B 75 -6.89 -0.02 10.40
N PHE B 76 -7.92 -0.17 9.57
CA PHE B 76 -7.83 -0.61 8.18
C PHE B 76 -7.80 0.64 7.28
N ASP B 77 -6.81 0.69 6.39
CA ASP B 77 -6.70 1.71 5.29
C ASP B 77 -7.24 1.11 3.99
N THR B 78 -7.69 -0.14 3.99
CA THR B 78 -8.33 -0.83 2.83
C THR B 78 -9.27 -1.92 3.32
N THR B 79 -10.13 -2.44 2.46
CA THR B 79 -10.83 -3.73 2.73
C THR B 79 -9.93 -4.88 2.33
N PHE B 80 -10.25 -6.10 2.78
CA PHE B 80 -9.49 -7.27 2.30
C PHE B 80 -9.53 -7.34 0.76
N GLU B 81 -10.70 -7.03 0.20
CA GLU B 81 -10.97 -7.19 -1.26
C GLU B 81 -10.18 -6.20 -2.09
N SER B 82 -10.09 -4.97 -1.57
CA SER B 82 -9.45 -3.86 -2.32
C SER B 82 -7.95 -3.81 -2.00
N ALA B 83 -7.47 -4.67 -1.12
CA ALA B 83 -6.04 -4.63 -0.74
C ALA B 83 -5.19 -5.13 -1.91
N ARG B 84 -4.10 -4.42 -2.21
CA ARG B 84 -3.19 -4.90 -3.26
C ARG B 84 -1.97 -5.52 -2.62
N PRO B 85 -1.44 -6.62 -3.20
CA PRO B 85 -0.18 -7.17 -2.75
C PRO B 85 0.91 -6.11 -2.77
N THR B 86 1.78 -6.13 -1.76
CA THR B 86 2.89 -5.20 -1.64
C THR B 86 4.04 -5.62 -2.54
N GLN B 87 5.00 -4.71 -2.65
CA GLN B 87 6.30 -4.94 -3.31
C GLN B 87 6.86 -6.27 -2.80
N THR B 88 6.75 -6.55 -1.51
CA THR B 88 7.33 -7.79 -0.91
C THR B 88 6.59 -9.00 -1.45
N HIS B 89 5.27 -8.93 -1.53
CA HIS B 89 4.42 -9.98 -2.10
C HIS B 89 4.87 -10.36 -3.51
N MET B 90 5.05 -9.33 -4.34
CA MET B 90 5.35 -9.52 -5.77
C MET B 90 6.81 -9.94 -5.90
N ALA B 91 7.72 -9.49 -5.02
CA ALA B 91 9.11 -9.99 -5.07
C ALA B 91 9.07 -11.51 -4.81
N LEU B 92 8.25 -12.01 -3.87
CA LEU B 92 8.19 -13.48 -3.63
C LEU B 92 7.68 -14.22 -4.89
N VAL B 93 6.78 -13.60 -5.65
CA VAL B 93 6.18 -14.21 -6.86
C VAL B 93 7.35 -14.46 -7.81
N GLN B 94 8.17 -13.42 -7.99
CA GLN B 94 9.33 -13.43 -8.88
C GLN B 94 10.35 -14.46 -8.45
N LEU B 95 10.63 -14.57 -7.16
CA LEU B 95 11.71 -15.43 -6.65
C LEU B 95 11.29 -16.88 -6.81
N GLU B 96 10.00 -17.15 -6.65
CA GLU B 96 9.46 -18.50 -6.97
C GLU B 96 9.62 -18.77 -8.46
N ARG B 97 9.44 -17.76 -9.33
CA ARG B 97 9.34 -18.08 -10.78
C ARG B 97 10.71 -18.37 -11.33
N VAL B 98 11.76 -17.83 -10.70
CA VAL B 98 13.16 -18.02 -11.15
C VAL B 98 13.85 -19.11 -10.33
N GLY B 99 13.10 -19.89 -9.58
CA GLY B 99 13.63 -21.10 -8.92
C GLY B 99 14.39 -20.77 -7.65
N LEU B 100 14.44 -19.51 -7.24
CA LEU B 100 15.21 -19.10 -6.05
C LEU B 100 14.41 -19.30 -4.77
N LEU B 101 13.11 -19.58 -4.84
CA LEU B 101 12.30 -19.86 -3.63
C LEU B 101 11.74 -21.28 -3.76
N ARG B 102 12.08 -22.18 -2.83
CA ARG B 102 11.55 -23.59 -2.91
C ARG B 102 10.13 -23.59 -2.36
N PHE B 103 9.89 -22.91 -1.23
CA PHE B 103 8.58 -22.96 -0.54
C PHE B 103 8.29 -21.67 0.23
N LEU B 104 7.00 -21.43 0.40
CA LEU B 104 6.55 -20.24 1.13
C LEU B 104 5.63 -20.73 2.24
N VAL B 105 5.91 -20.29 3.48
CA VAL B 105 5.01 -20.57 4.63
C VAL B 105 4.45 -19.27 5.19
N SER B 106 3.12 -19.13 5.22
CA SER B 106 2.45 -17.91 5.71
C SER B 106 1.51 -18.20 6.87
N GLN B 107 1.47 -17.26 7.80
CA GLN B 107 0.55 -17.25 8.94
C GLN B 107 -0.61 -16.35 8.57
N ASN B 108 -0.56 -15.69 7.39
CA ASN B 108 -1.55 -14.62 7.10
C ASN B 108 -2.80 -15.24 6.49
N VAL B 109 -3.96 -14.71 6.85
CA VAL B 109 -5.29 -15.15 6.41
C VAL B 109 -5.84 -14.15 5.41
N ASP B 110 -5.11 -13.06 5.20
CA ASP B 110 -5.46 -11.95 4.30
C ASP B 110 -5.55 -12.33 2.81
N GLY B 111 -5.17 -13.54 2.41
CA GLY B 111 -5.42 -14.03 1.05
C GLY B 111 -4.52 -13.41 -0.01
N LEU B 112 -3.55 -12.57 0.32
CA LEU B 112 -2.79 -11.81 -0.70
C LEU B 112 -1.79 -12.70 -1.42
N HIS B 113 -1.27 -13.75 -0.80
CA HIS B 113 -0.26 -14.60 -1.47
C HIS B 113 -0.94 -15.21 -2.67
N VAL B 114 -2.12 -15.76 -2.45
CA VAL B 114 -2.84 -16.43 -3.55
C VAL B 114 -3.18 -15.36 -4.57
N ARG B 115 -3.74 -14.23 -4.11
CA ARG B 115 -4.31 -13.25 -5.07
C ARG B 115 -3.20 -12.67 -5.92
N SER B 116 -1.99 -12.65 -5.40
CA SER B 116 -0.77 -12.13 -6.04
C SER B 116 -0.38 -13.05 -7.20
N GLY B 117 -0.89 -14.29 -7.21
CA GLY B 117 -0.66 -15.29 -8.29
C GLY B 117 0.41 -16.31 -7.88
N PHE B 118 0.67 -16.43 -6.59
CA PHE B 118 1.71 -17.35 -6.14
C PHE B 118 1.16 -18.79 -6.24
N PRO B 119 1.93 -19.74 -6.78
CA PRO B 119 1.52 -21.13 -6.84
C PRO B 119 1.14 -21.74 -5.50
N ARG B 120 -0.13 -22.15 -5.40
CA ARG B 120 -0.74 -22.77 -4.19
C ARG B 120 0.02 -24.04 -3.82
N ASP B 121 0.61 -24.74 -4.79
CA ASP B 121 1.33 -26.00 -4.48
C ASP B 121 2.70 -25.65 -3.91
N LYS B 122 3.08 -24.36 -3.81
CA LYS B 122 4.34 -24.01 -3.11
C LYS B 122 4.07 -23.17 -1.87
N LEU B 123 2.82 -23.15 -1.40
CA LEU B 123 2.44 -22.29 -0.25
C LEU B 123 1.67 -23.09 0.82
N ALA B 124 2.02 -22.88 2.08
CA ALA B 124 1.25 -23.30 3.27
C ALA B 124 0.62 -22.06 3.91
N GLU B 125 -0.71 -22.03 3.94
CA GLU B 125 -1.49 -21.01 4.65
C GLU B 125 -1.92 -21.60 6.00
N LEU B 126 -1.07 -21.39 6.99
CA LEU B 126 -1.09 -22.15 8.26
C LEU B 126 -2.36 -21.79 9.02
N HIS B 127 -2.82 -20.53 8.90
CA HIS B 127 -3.95 -20.04 9.71
C HIS B 127 -5.20 -19.93 8.82
N GLY B 128 -5.10 -20.34 7.54
CA GLY B 128 -6.24 -20.35 6.59
C GLY B 128 -6.35 -19.02 5.83
N ASN B 129 -7.41 -18.84 5.06
CA ASN B 129 -7.46 -17.80 4.01
C ASN B 129 -8.88 -17.28 4.02
N MET B 130 -9.08 -15.97 4.16
CA MET B 130 -10.41 -15.34 4.26
C MET B 130 -11.25 -15.65 3.02
N PHE B 131 -10.61 -15.87 1.87
CA PHE B 131 -11.30 -16.04 0.57
C PHE B 131 -11.52 -17.53 0.26
N VAL B 132 -11.08 -18.41 1.14
CA VAL B 132 -11.06 -19.88 0.87
C VAL B 132 -12.10 -20.54 1.76
N GLU B 133 -13.07 -21.20 1.15
CA GLU B 133 -13.93 -22.19 1.81
C GLU B 133 -13.69 -23.57 1.22
N GLU B 134 -14.02 -24.56 2.05
CA GLU B 134 -13.64 -25.98 1.87
C GLU B 134 -14.84 -26.85 2.15
N CYS B 135 -15.10 -27.81 1.25
CA CYS B 135 -16.15 -28.87 1.43
C CYS B 135 -15.75 -29.75 2.62
N ALA B 136 -16.51 -29.70 3.71
CA ALA B 136 -16.47 -30.69 4.80
C ALA B 136 -16.48 -32.10 4.19
N LYS B 137 -17.35 -32.35 3.20
CA LYS B 137 -17.56 -33.69 2.60
C LYS B 137 -16.40 -34.05 1.67
N CYS B 138 -16.29 -33.37 0.54
CA CYS B 138 -15.35 -33.61 -0.59
C CYS B 138 -13.89 -33.20 -0.27
N LYS B 139 -13.69 -32.32 0.71
CA LYS B 139 -12.43 -31.58 1.01
C LYS B 139 -12.03 -30.64 -0.14
N THR B 140 -12.91 -30.42 -1.13
CA THR B 140 -12.58 -29.46 -2.23
C THR B 140 -12.60 -28.04 -1.68
N GLN B 141 -11.52 -27.31 -1.91
CA GLN B 141 -11.41 -25.85 -1.65
C GLN B 141 -11.97 -25.02 -2.81
N TYR B 142 -12.47 -23.84 -2.48
CA TYR B 142 -12.97 -22.81 -3.41
C TYR B 142 -12.29 -21.50 -3.04
N VAL B 143 -11.75 -20.84 -4.05
CA VAL B 143 -11.06 -19.53 -3.81
C VAL B 143 -12.03 -18.54 -4.38
N ARG B 144 -12.63 -17.76 -3.47
CA ARG B 144 -13.63 -16.76 -3.84
C ARG B 144 -12.96 -15.41 -4.15
N ASP B 145 -13.71 -14.56 -4.81
CA ASP B 145 -13.33 -13.19 -5.15
C ASP B 145 -13.69 -12.25 -4.03
N THR B 146 -14.51 -12.64 -3.04
CA THR B 146 -14.76 -11.85 -1.82
C THR B 146 -14.54 -12.68 -0.56
N VAL B 147 -14.48 -12.00 0.60
CA VAL B 147 -14.20 -12.65 1.90
C VAL B 147 -15.37 -13.60 2.20
N VAL B 148 -15.03 -14.82 2.58
CA VAL B 148 -15.99 -15.84 3.09
C VAL B 148 -16.38 -15.29 4.46
N GLY B 149 -17.69 -15.13 4.71
CA GLY B 149 -18.20 -14.31 5.83
C GLY B 149 -18.12 -14.96 7.19
N THR B 150 -17.75 -16.24 7.32
CA THR B 150 -17.62 -16.87 8.66
C THR B 150 -16.13 -16.98 9.04
N MET B 151 -15.86 -17.15 10.34
CA MET B 151 -14.52 -17.47 10.87
C MET B 151 -14.67 -18.67 11.82
N GLY B 152 -13.57 -19.33 12.16
CA GLY B 152 -13.64 -20.43 13.14
C GLY B 152 -14.26 -21.69 12.57
N LEU B 153 -14.09 -21.89 11.25
CA LEU B 153 -14.36 -23.14 10.48
C LEU B 153 -15.85 -23.45 10.50
N LYS B 154 -16.71 -22.44 10.39
CA LYS B 154 -18.19 -22.58 10.45
C LYS B 154 -18.75 -22.62 9.02
N ALA B 155 -19.90 -23.27 8.88
CA ALA B 155 -20.65 -23.39 7.63
C ALA B 155 -20.93 -21.99 7.08
N THR B 156 -20.67 -21.79 5.79
CA THR B 156 -20.78 -20.46 5.13
C THR B 156 -22.18 -20.25 4.59
N GLY B 157 -22.89 -21.37 4.34
CA GLY B 157 -24.27 -21.41 3.83
C GLY B 157 -24.32 -22.06 2.47
N ARG B 158 -23.16 -22.27 1.82
CA ARG B 158 -23.00 -22.70 0.41
C ARG B 158 -22.68 -24.20 0.42
N LEU B 159 -23.05 -24.89 -0.64
CA LEU B 159 -22.84 -26.37 -0.83
C LEU B 159 -21.79 -26.63 -1.91
N CYS B 160 -21.13 -27.80 -1.86
CA CYS B 160 -20.09 -28.26 -2.85
C CYS B 160 -20.72 -28.55 -4.21
N THR B 161 -20.18 -27.99 -5.29
CA THR B 161 -20.66 -28.21 -6.67
C THR B 161 -19.81 -29.25 -7.40
N VAL B 162 -18.97 -30.03 -6.71
CA VAL B 162 -18.14 -31.08 -7.38
C VAL B 162 -19.04 -32.21 -7.89
N ALA B 163 -18.64 -32.84 -8.99
CA ALA B 163 -19.22 -34.09 -9.58
C ALA B 163 -20.56 -33.77 -10.23
N CYS B 171 -22.24 -33.06 -5.32
CA CYS B 171 -21.63 -33.48 -4.03
C CYS B 171 -22.48 -32.93 -2.88
N ARG B 172 -22.86 -31.66 -3.02
CA ARG B 172 -23.83 -30.96 -2.13
C ARG B 172 -23.27 -30.84 -0.70
N GLY B 173 -21.99 -31.15 -0.48
CA GLY B 173 -21.34 -31.00 0.83
C GLY B 173 -21.44 -29.57 1.40
N GLU B 174 -21.44 -29.42 2.72
CA GLU B 174 -21.45 -28.11 3.39
C GLU B 174 -20.04 -27.47 3.26
N LEU B 175 -19.98 -26.25 2.72
CA LEU B 175 -18.76 -25.44 2.60
C LEU B 175 -18.59 -24.71 3.91
N ARG B 176 -17.36 -24.70 4.42
CA ARG B 176 -17.01 -23.95 5.64
C ARG B 176 -15.84 -23.00 5.35
N ASP B 177 -15.71 -21.95 6.18
CA ASP B 177 -14.53 -21.06 6.18
C ASP B 177 -13.34 -21.92 6.58
N THR B 178 -12.14 -21.39 6.34
CA THR B 178 -10.83 -21.98 6.70
C THR B 178 -10.17 -21.18 7.83
N ILE B 179 -10.87 -20.27 8.51
CA ILE B 179 -10.16 -19.40 9.49
C ILE B 179 -10.10 -20.18 10.81
N LEU B 180 -8.92 -20.61 11.20
CA LEU B 180 -8.72 -21.30 12.50
C LEU B 180 -9.17 -20.36 13.61
N ASP B 181 -9.84 -20.89 14.62
CA ASP B 181 -10.03 -20.21 15.92
C ASP B 181 -8.88 -20.60 16.83
N TRP B 182 -8.82 -19.98 18.02
CA TRP B 182 -7.82 -20.27 19.08
C TRP B 182 -7.67 -21.78 19.29
N GLU B 183 -8.75 -22.54 19.39
CA GLU B 183 -8.63 -23.98 19.82
C GLU B 183 -8.18 -24.83 18.65
N ASP B 184 -8.42 -24.36 17.42
CA ASP B 184 -8.41 -25.17 16.16
C ASP B 184 -6.99 -25.58 15.81
N SER B 185 -6.78 -26.88 15.65
CA SER B 185 -5.53 -27.49 15.16
C SER B 185 -5.25 -26.96 13.74
N LEU B 186 -3.99 -26.70 13.43
CA LEU B 186 -3.53 -26.30 12.06
C LEU B 186 -3.83 -27.40 11.05
N PRO B 187 -4.11 -27.05 9.77
CA PRO B 187 -4.30 -28.02 8.69
C PRO B 187 -3.09 -28.92 8.49
N ASP B 188 -3.29 -30.23 8.71
CA ASP B 188 -2.20 -31.25 8.69
C ASP B 188 -1.45 -31.15 7.37
N ARG B 189 -2.18 -31.05 6.25
CA ARG B 189 -1.56 -31.00 4.91
C ARG B 189 -0.57 -29.81 4.86
N ASP B 190 -1.04 -28.58 5.07
CA ASP B 190 -0.17 -27.37 5.00
C ASP B 190 0.96 -27.50 6.01
N LEU B 191 0.67 -27.93 7.25
CA LEU B 191 1.71 -28.02 8.32
C LEU B 191 2.78 -29.04 7.92
N ALA B 192 2.38 -30.13 7.30
CA ALA B 192 3.30 -31.23 7.00
C ALA B 192 4.21 -30.76 5.88
N LEU B 193 3.68 -30.14 4.83
CA LEU B 193 4.56 -29.69 3.71
C LEU B 193 5.46 -28.58 4.25
N ALA B 194 4.90 -27.65 5.03
CA ALA B 194 5.67 -26.53 5.65
C ALA B 194 6.87 -27.09 6.43
N ASP B 195 6.58 -28.10 7.25
CA ASP B 195 7.55 -28.70 8.21
C ASP B 195 8.64 -29.40 7.40
N GLU B 196 8.23 -30.16 6.39
CA GLU B 196 9.17 -30.88 5.48
C GLU B 196 10.06 -29.85 4.77
N ALA B 197 9.44 -28.85 4.15
CA ALA B 197 10.17 -27.76 3.46
C ALA B 197 11.16 -27.12 4.43
N SER B 198 10.72 -26.83 5.66
CA SER B 198 11.55 -26.19 6.73
C SER B 198 12.72 -27.08 7.17
N ARG B 199 12.47 -28.38 7.37
CA ARG B 199 13.51 -29.35 7.83
C ARG B 199 14.56 -29.51 6.73
N ASN B 200 14.13 -29.55 5.48
CA ASN B 200 15.01 -29.83 4.32
C ASN B 200 15.66 -28.53 3.80
N ALA B 201 15.15 -27.37 4.19
CA ALA B 201 15.66 -26.08 3.70
C ALA B 201 17.08 -25.82 4.21
N ASP B 202 17.95 -25.27 3.37
CA ASP B 202 19.28 -24.84 3.84
C ASP B 202 19.21 -23.35 4.17
N LEU B 203 18.15 -22.66 3.78
CA LEU B 203 17.99 -21.25 4.22
C LEU B 203 16.54 -20.95 4.54
N SER B 204 16.28 -20.41 5.72
CA SER B 204 14.92 -19.97 6.14
C SER B 204 14.94 -18.46 6.36
N ILE B 205 14.07 -17.73 5.68
CA ILE B 205 14.02 -16.25 5.83
C ILE B 205 12.64 -15.89 6.38
N THR B 206 12.58 -15.18 7.50
CA THR B 206 11.31 -14.73 8.08
C THR B 206 11.07 -13.24 7.75
N LEU B 207 9.83 -12.90 7.37
CA LEU B 207 9.51 -11.52 6.95
C LEU B 207 8.33 -11.04 7.78
N GLY B 208 8.46 -9.97 8.55
CA GLY B 208 7.30 -9.33 9.22
C GLY B 208 6.49 -10.35 10.00
N THR B 209 7.17 -11.20 10.78
CA THR B 209 6.53 -12.13 11.76
C THR B 209 7.27 -12.04 13.12
N SER B 210 6.53 -12.10 14.24
CA SER B 210 7.01 -12.05 15.64
C SER B 210 7.54 -13.42 16.05
N LEU B 211 7.12 -14.47 15.33
CA LEU B 211 7.50 -15.90 15.55
C LEU B 211 7.06 -16.36 16.98
N GLN B 212 5.95 -15.85 17.50
CA GLN B 212 5.50 -16.11 18.87
C GLN B 212 4.47 -17.24 18.87
N ILE B 213 3.94 -17.63 17.71
CA ILE B 213 2.87 -18.67 17.65
C ILE B 213 3.53 -20.02 17.40
N ARG B 214 3.21 -21.01 18.24
CA ARG B 214 3.66 -22.42 18.11
C ARG B 214 2.56 -23.12 17.36
N PRO B 215 2.88 -23.92 16.33
CA PRO B 215 4.24 -24.20 15.88
C PRO B 215 4.68 -23.43 14.63
N SER B 216 3.80 -22.61 14.08
CA SER B 216 4.10 -21.64 12.98
C SER B 216 5.45 -20.95 13.18
N GLY B 217 5.63 -20.29 14.33
CA GLY B 217 6.83 -19.48 14.67
C GLY B 217 8.05 -20.33 14.87
N ASN B 218 7.88 -21.65 15.06
CA ASN B 218 8.99 -22.59 15.37
C ASN B 218 9.59 -23.19 14.08
N LEU B 219 8.79 -23.32 13.02
CA LEU B 219 9.23 -23.95 11.73
C LEU B 219 10.58 -23.43 11.25
N PRO B 220 10.87 -22.12 11.22
CA PRO B 220 12.20 -21.67 10.83
C PRO B 220 13.34 -22.30 11.63
N LEU B 221 13.16 -22.57 12.92
CA LEU B 221 14.23 -23.20 13.74
C LEU B 221 14.57 -24.59 13.22
N ALA B 222 13.67 -25.28 12.52
CA ALA B 222 13.93 -26.63 11.94
C ALA B 222 15.08 -26.56 10.94
N THR B 223 15.15 -25.44 10.19
CA THR B 223 16.24 -25.19 9.23
C THR B 223 17.56 -25.19 10.01
N LYS B 224 17.58 -24.54 11.17
CA LYS B 224 18.79 -24.46 12.04
C LYS B 224 19.35 -25.85 12.39
N ARG B 225 18.51 -26.84 12.74
CA ARG B 225 18.91 -28.25 12.96
C ARG B 225 19.43 -28.84 11.64
N ARG B 226 20.53 -29.58 11.69
CA ARG B 226 21.38 -30.01 10.54
C ARG B 226 21.94 -28.77 9.82
N GLY B 227 21.98 -27.64 10.50
CA GLY B 227 22.97 -26.58 10.23
C GLY B 227 22.60 -25.68 9.07
N GLY B 228 21.31 -25.49 8.82
CA GLY B 228 20.83 -24.50 7.84
C GLY B 228 20.99 -23.11 8.41
N ARG B 229 20.88 -22.08 7.57
CA ARG B 229 20.96 -20.69 8.05
C ARG B 229 19.54 -20.14 8.26
N LEU B 230 19.40 -19.24 9.23
CA LEU B 230 18.12 -18.61 9.57
C LEU B 230 18.33 -17.09 9.53
N VAL B 231 17.50 -16.37 8.78
CA VAL B 231 17.57 -14.88 8.68
C VAL B 231 16.19 -14.37 9.07
N ILE B 232 16.16 -13.31 9.88
CA ILE B 232 14.91 -12.70 10.41
C ILE B 232 14.85 -11.23 9.99
N VAL B 233 13.78 -10.85 9.29
CA VAL B 233 13.56 -9.43 8.89
C VAL B 233 12.31 -8.99 9.61
N ASN B 234 12.46 -8.04 10.50
CA ASN B 234 11.37 -7.63 11.39
C ASN B 234 11.70 -6.26 11.97
N LEU B 235 10.68 -5.44 12.18
CA LEU B 235 10.91 -4.09 12.80
C LEU B 235 11.11 -4.25 14.31
N GLN B 236 10.52 -5.27 14.90
CA GLN B 236 10.52 -5.52 16.34
C GLN B 236 11.36 -6.74 16.63
N PRO B 237 11.69 -6.92 17.91
CA PRO B 237 12.20 -8.18 18.42
C PRO B 237 11.23 -9.30 18.08
N THR B 238 11.80 -10.48 17.89
CA THR B 238 11.07 -11.72 17.63
C THR B 238 11.49 -12.76 18.65
N LYS B 239 10.65 -13.77 18.84
CA LYS B 239 10.94 -14.85 19.83
C LYS B 239 12.34 -15.41 19.58
N HIS B 240 12.77 -15.56 18.35
CA HIS B 240 13.93 -16.41 18.04
C HIS B 240 15.16 -15.59 17.67
N ASP B 241 15.24 -14.30 18.05
CA ASP B 241 16.34 -13.43 17.55
C ASP B 241 17.71 -14.08 17.78
N ARG B 242 17.84 -14.79 18.89
CA ARG B 242 19.10 -15.46 19.35
C ARG B 242 19.53 -16.50 18.33
N HIS B 243 18.61 -17.16 17.62
CA HIS B 243 19.01 -18.34 16.78
C HIS B 243 19.28 -17.89 15.34
N ALA B 244 19.05 -16.62 15.00
CA ALA B 244 19.22 -16.08 13.63
C ALA B 244 20.70 -15.90 13.34
N ASP B 245 21.16 -16.24 12.13
CA ASP B 245 22.54 -15.92 11.67
C ASP B 245 22.60 -14.46 11.22
N LEU B 246 21.43 -13.83 10.97
CA LEU B 246 21.35 -12.43 10.45
C LEU B 246 19.98 -11.86 10.81
N ARG B 247 19.93 -10.74 11.53
CA ARG B 247 18.71 -9.98 11.87
C ARG B 247 18.75 -8.65 11.13
N ILE B 248 17.69 -8.38 10.39
CA ILE B 248 17.62 -7.12 9.60
C ILE B 248 16.38 -6.40 10.11
N HIS B 249 16.61 -5.22 10.65
CA HIS B 249 15.61 -4.32 11.25
C HIS B 249 15.34 -3.25 10.20
N GLY B 250 14.35 -3.52 9.34
CA GLY B 250 13.76 -2.52 8.45
C GLY B 250 12.48 -3.02 7.84
N TYR B 251 11.83 -2.09 7.14
CA TYR B 251 10.63 -2.37 6.33
C TYR B 251 10.97 -3.41 5.30
N VAL B 252 10.19 -4.50 5.26
CA VAL B 252 10.43 -5.59 4.29
C VAL B 252 10.44 -5.03 2.86
N ASP B 253 9.52 -4.13 2.55
CA ASP B 253 9.49 -3.58 1.16
C ASP B 253 10.85 -3.02 0.80
N GLU B 254 11.54 -2.33 1.70
CA GLU B 254 12.87 -1.79 1.29
C GLU B 254 13.90 -2.91 1.30
N VAL B 255 13.84 -3.84 2.22
CA VAL B 255 14.79 -4.99 2.23
C VAL B 255 14.59 -5.77 0.94
N MET B 256 13.33 -6.03 0.55
CA MET B 256 13.07 -6.91 -0.58
C MET B 256 13.40 -6.22 -1.88
N THR B 257 13.12 -4.93 -1.98
CA THR B 257 13.51 -4.12 -3.15
C THR B 257 15.02 -4.12 -3.32
N ARG B 258 15.76 -3.75 -2.30
CA ARG B 258 17.26 -3.71 -2.39
C ARG B 258 17.72 -5.13 -2.72
N LEU B 259 17.09 -6.14 -2.15
CA LEU B 259 17.62 -7.51 -2.34
C LEU B 259 17.43 -7.91 -3.81
N MET B 260 16.24 -7.65 -4.33
CA MET B 260 15.88 -8.01 -5.71
C MET B 260 16.86 -7.36 -6.66
N LYS B 261 17.19 -6.11 -6.39
CA LYS B 261 18.11 -5.33 -7.25
C LYS B 261 19.50 -5.98 -7.19
N HIS B 262 19.98 -6.38 -6.01
CA HIS B 262 21.24 -7.15 -5.85
C HIS B 262 21.09 -8.43 -6.67
N LEU B 263 19.91 -9.07 -6.64
CA LEU B 263 19.79 -10.36 -7.41
C LEU B 263 19.59 -10.12 -8.91
N GLY B 264 19.35 -8.89 -9.38
CA GLY B 264 19.29 -8.55 -10.81
C GLY B 264 17.90 -8.89 -11.33
N LEU B 265 16.90 -8.84 -10.46
CA LEU B 265 15.51 -9.28 -10.74
C LEU B 265 14.59 -8.08 -10.64
N GLU B 266 13.60 -8.04 -11.50
CA GLU B 266 12.50 -7.04 -11.46
C GLU B 266 11.40 -7.52 -10.52
N ILE B 267 10.65 -6.60 -9.98
CA ILE B 267 9.39 -6.88 -9.24
C ILE B 267 8.29 -6.75 -10.27
N PRO B 268 7.64 -7.89 -10.62
CA PRO B 268 6.61 -7.90 -11.65
C PRO B 268 5.34 -7.14 -11.25
N ALA B 269 4.58 -6.79 -12.29
CA ALA B 269 3.31 -6.04 -12.18
C ALA B 269 2.28 -6.99 -11.58
N TRP B 270 1.36 -6.46 -10.76
CA TRP B 270 0.20 -7.26 -10.31
C TRP B 270 -0.93 -7.04 -11.32
N ASP B 271 -1.46 -8.13 -11.90
CA ASP B 271 -2.50 -8.09 -12.96
C ASP B 271 -3.85 -7.99 -12.31
N GLY B 272 -3.92 -7.79 -10.98
CA GLY B 272 -5.16 -7.98 -10.22
C GLY B 272 -5.30 -9.43 -9.76
N PRO B 273 -6.39 -9.73 -9.04
CA PRO B 273 -6.53 -11.00 -8.32
C PRO B 273 -6.56 -12.19 -9.25
N ARG B 274 -5.58 -13.08 -9.11
CA ARG B 274 -5.51 -14.31 -9.90
C ARG B 274 -5.23 -15.46 -8.97
N VAL B 275 -5.53 -16.68 -9.40
CA VAL B 275 -5.29 -17.94 -8.61
C VAL B 275 -4.53 -18.88 -9.48
N LEU B 276 -3.32 -19.24 -9.08
CA LEU B 276 -2.48 -20.23 -9.71
C LEU B 276 -2.38 -21.47 -8.83
N GLU B 277 -2.99 -22.57 -9.22
CA GLU B 277 -2.96 -23.83 -8.47
C GLU B 277 -1.54 -24.35 -8.44
N ARG B 278 -0.90 -24.43 -9.62
CA ARG B 278 0.33 -25.24 -9.78
C ARG B 278 1.43 -24.36 -10.31
N ALA B 279 2.60 -24.50 -9.68
CA ALA B 279 3.86 -23.85 -10.09
C ALA B 279 4.09 -24.14 -11.56
N LEU B 280 4.27 -23.06 -12.32
CA LEU B 280 4.65 -23.04 -13.74
C LEU B 280 6.15 -23.36 -13.81
N PRO B 281 6.61 -23.82 -14.99
CA PRO B 281 8.00 -24.08 -15.25
C PRO B 281 8.92 -22.88 -15.07
N PRO B 282 10.04 -23.09 -14.34
CA PRO B 282 10.99 -22.04 -13.98
C PRO B 282 11.54 -21.19 -15.13
N LEU B 283 11.62 -19.86 -14.90
CA LEU B 283 12.03 -18.88 -15.93
C LEU B 283 13.55 -18.72 -15.89
N PRO B 284 14.20 -18.12 -16.90
CA PRO B 284 15.62 -17.83 -16.82
C PRO B 284 15.93 -16.97 -15.59
N ARG B 285 17.13 -17.12 -15.02
CA ARG B 285 17.64 -16.40 -13.84
C ARG B 285 18.99 -15.79 -14.17
N PRO B 286 19.36 -14.59 -13.65
CA PRO B 286 20.69 -14.07 -13.92
C PRO B 286 21.79 -15.02 -13.46
N PRO B 287 23.00 -14.95 -14.05
CA PRO B 287 24.11 -15.76 -13.56
C PRO B 287 24.60 -15.30 -12.18
N THR B 288 25.27 -16.18 -11.44
CA THR B 288 25.63 -15.98 -10.00
C THR B 288 26.93 -15.22 -9.88
N PRO B 289 27.04 -14.24 -8.95
CA PRO B 289 28.33 -13.60 -8.70
C PRO B 289 29.32 -14.60 -8.09
N LYS B 290 30.59 -14.34 -8.33
CA LYS B 290 31.75 -14.95 -7.62
C LYS B 290 31.74 -14.36 -6.21
N LEU B 291 31.67 -15.20 -5.19
CA LEU B 291 31.56 -14.70 -3.79
C LEU B 291 32.87 -14.82 -3.01
N GLU B 292 33.56 -15.97 -3.06
CA GLU B 292 34.86 -16.19 -2.36
C GLU B 292 35.98 -16.24 -3.41
#